data_2R9A
#
_entry.id   2R9A
#
_cell.length_a   63.460
_cell.length_b   86.950
_cell.length_c   91.910
_cell.angle_alpha   90.00
_cell.angle_beta   90.00
_cell.angle_gamma   90.00
#
_symmetry.space_group_name_H-M   'P 21 21 21'
#
loop_
_entity.id
_entity.type
_entity.pdbx_description
1 polymer 'Non-homologous end-joining factor 1'
2 water water
#
_entity_poly.entity_id   1
_entity_poly.type   'polypeptide(L)'
_entity_poly.pdbx_seq_one_letter_code
;(MSE)EELEQGLL(MSE)QPWAWLQLAENSLLAKVFITKQGYALLVSDLQQVWHEQVDTSVVSQRAKELNKRLTAPPAAF
LCHLDNLLRPLLKDAAHPSEATFSCDCVADALILRVRSELSGLPFYWNFHC(MSE)LASPSLVSQHLIRPL(MSE)G
(MSE)SLALQCQVRELATLLH(MSE)KDLEIQDYQESGATLIRDRLKTEPFEENSFLEQF(MSE)IEKLPEACSIGDGKP
FV(MSE)NLQDLY(MSE)AVTTQHHHHHH
;
_entity_poly.pdbx_strand_id   A,B
#
# COMPACT_ATOMS: atom_id res chain seq x y z
N GLU A 2 6.31 -7.91 23.41
CA GLU A 2 6.11 -9.02 22.43
C GLU A 2 4.67 -9.31 22.12
N GLU A 3 3.89 -9.67 23.14
CA GLU A 3 2.49 -9.89 22.92
C GLU A 3 1.78 -8.60 22.43
N LEU A 4 2.16 -7.43 22.95
CA LEU A 4 1.62 -6.12 22.48
C LEU A 4 1.73 -5.92 20.97
N GLU A 5 2.94 -6.13 20.47
CA GLU A 5 3.30 -5.96 19.09
C GLU A 5 2.49 -6.90 18.28
N GLN A 6 2.34 -8.10 18.81
CA GLN A 6 1.65 -9.14 18.08
C GLN A 6 0.15 -8.81 17.99
N GLY A 7 -0.40 -8.24 19.05
CA GLY A 7 -1.76 -7.72 19.00
C GLY A 7 -1.89 -6.49 18.11
N LEU A 8 -0.77 -5.78 17.92
CA LEU A 8 -0.81 -4.51 17.21
C LEU A 8 -1.01 -4.78 15.72
N LEU A 9 -0.33 -5.82 15.29
CA LEU A 9 -0.37 -6.36 13.95
C LEU A 9 -1.76 -6.78 13.50
N GLN A 11 -4.53 -5.33 14.82
CA GLN A 11 -5.35 -4.15 14.89
C GLN A 11 -5.51 -3.57 13.50
N PRO A 12 -6.69 -3.04 13.17
CA PRO A 12 -6.89 -2.28 11.92
C PRO A 12 -6.54 -0.84 12.11
N TRP A 13 -6.45 -0.08 11.02
CA TRP A 13 -6.24 1.34 11.17
C TRP A 13 -7.56 2.07 11.46
N ALA A 14 -7.53 2.99 12.40
CA ALA A 14 -8.70 3.84 12.68
C ALA A 14 -8.41 5.32 12.42
N TRP A 15 -9.43 6.15 12.56
CA TRP A 15 -9.31 7.59 12.35
C TRP A 15 -9.48 8.35 13.66
N LEU A 16 -8.63 9.34 13.90
CA LEU A 16 -8.68 10.13 15.12
C LEU A 16 -8.55 11.58 14.76
N GLN A 17 -9.17 12.45 15.53
CA GLN A 17 -9.18 13.87 15.25
C GLN A 17 -8.82 14.62 16.51
N LEU A 18 -8.08 15.72 16.37
CA LEU A 18 -7.75 16.56 17.52
C LEU A 18 -7.24 17.95 17.10
N ALA A 19 -7.85 19.00 17.65
CA ALA A 19 -7.50 20.39 17.33
C ALA A 19 -7.26 20.60 15.83
N GLU A 20 -8.21 20.13 15.03
CA GLU A 20 -8.15 20.23 13.57
C GLU A 20 -7.21 19.21 12.91
N ASN A 21 -6.20 18.75 13.66
CA ASN A 21 -5.27 17.76 13.13
C ASN A 21 -5.98 16.41 13.17
N SER A 22 -5.66 15.55 12.23
CA SER A 22 -6.16 14.19 12.28
C SER A 22 -4.94 13.29 12.23
N LEU A 23 -5.13 12.03 12.62
CA LEU A 23 -4.10 11.00 12.59
C LEU A 23 -4.71 9.64 12.28
N LEU A 24 -3.99 8.83 11.52
CA LEU A 24 -4.31 7.40 11.51
C LEU A 24 -3.64 6.72 12.71
N ALA A 25 -4.32 5.76 13.33
CA ALA A 25 -3.77 5.17 14.54
C ALA A 25 -4.36 3.80 14.90
N LYS A 26 -3.56 2.96 15.56
CA LYS A 26 -4.03 1.71 16.18
C LYS A 26 -3.36 1.52 17.51
N VAL A 27 -4.09 0.91 18.44
CA VAL A 27 -3.50 0.62 19.76
C VAL A 27 -3.92 -0.75 20.31
N PHE A 28 -2.97 -1.44 20.92
CA PHE A 28 -3.22 -2.67 21.64
C PHE A 28 -2.76 -2.48 23.12
N ILE A 29 -3.76 -2.43 24.02
CA ILE A 29 -3.55 -2.30 25.47
C ILE A 29 -3.84 -3.58 26.25
N THR A 30 -2.91 -3.92 27.11
CA THR A 30 -3.14 -4.99 28.11
C THR A 30 -2.75 -4.49 29.49
N LYS A 31 -2.76 -5.41 30.46
CA LYS A 31 -2.36 -5.10 31.84
C LYS A 31 -0.83 -5.02 31.97
N GLN A 32 -0.15 -5.47 30.91
CA GLN A 32 1.30 -5.43 30.79
C GLN A 32 1.83 -4.08 30.22
N GLY A 33 0.97 -3.31 29.56
CA GLY A 33 1.37 -2.07 28.87
C GLY A 33 0.63 -1.90 27.56
N TYR A 34 1.17 -1.08 26.65
CA TYR A 34 0.54 -0.95 25.35
C TYR A 34 1.54 -0.80 24.23
N ALA A 35 1.06 -1.06 23.02
CA ALA A 35 1.77 -0.66 21.84
C ALA A 35 0.92 0.35 21.10
N LEU A 36 1.52 1.42 20.59
CA LEU A 36 0.79 2.41 19.82
C LEU A 36 1.49 2.67 18.52
N LEU A 37 0.72 2.92 17.46
CA LEU A 37 1.30 3.32 16.17
C LEU A 37 0.47 4.42 15.52
N VAL A 38 1.12 5.44 15.01
CA VAL A 38 0.41 6.62 14.58
C VAL A 38 1.04 7.10 13.29
N SER A 39 0.20 7.49 12.32
CA SER A 39 0.71 8.08 11.09
C SER A 39 -0.14 9.27 10.60
N ASP A 40 0.52 10.37 10.19
CA ASP A 40 -0.16 11.47 9.49
C ASP A 40 -0.14 11.33 7.96
N LEU A 41 0.14 10.12 7.46
CA LEU A 41 0.29 9.86 6.01
C LEU A 41 1.58 10.43 5.41
N GLN A 42 2.50 10.81 6.28
CA GLN A 42 3.76 11.41 5.86
C GLN A 42 4.92 10.78 6.66
N GLN A 43 4.72 10.64 7.98
CA GLN A 43 5.62 9.91 8.87
C GLN A 43 4.83 8.85 9.61
N VAL A 44 5.52 7.96 10.31
CA VAL A 44 4.83 6.99 11.13
C VAL A 44 5.49 7.00 12.48
N TRP A 45 4.69 7.07 13.54
CA TRP A 45 5.26 7.15 14.88
C TRP A 45 4.84 5.97 15.70
N HIS A 46 5.74 5.52 16.57
CA HIS A 46 5.51 4.37 17.38
C HIS A 46 5.88 4.61 18.84
N GLU A 47 5.17 3.92 19.74
CA GLU A 47 5.57 3.76 21.14
C GLU A 47 5.06 2.45 21.67
N GLN A 48 5.90 1.85 22.53
CA GLN A 48 5.56 0.68 23.35
C GLN A 48 5.94 1.07 24.74
N VAL A 49 5.06 0.77 25.70
CA VAL A 49 5.25 1.16 27.08
C VAL A 49 5.04 -0.03 27.98
N ASP A 50 5.84 -0.15 29.04
CA ASP A 50 5.69 -1.23 30.00
C ASP A 50 5.14 -0.74 31.36
N THR A 51 4.96 -1.68 32.29
CA THR A 51 4.37 -1.36 33.60
C THR A 51 5.16 -0.34 34.43
N SER A 52 6.48 -0.42 34.34
CA SER A 52 7.40 0.48 35.01
C SER A 52 7.22 1.90 34.53
N VAL A 53 7.14 2.04 33.18
CA VAL A 53 6.97 3.33 32.50
C VAL A 53 5.63 3.95 32.81
N VAL A 54 4.58 3.13 32.84
CA VAL A 54 3.29 3.63 33.19
C VAL A 54 3.32 4.25 34.61
N SER A 55 3.77 3.49 35.62
CA SER A 55 3.86 4.03 36.97
C SER A 55 4.55 5.40 36.99
N GLN A 56 5.74 5.47 36.38
CA GLN A 56 6.64 6.63 36.46
C GLN A 56 6.00 7.84 35.84
N ARG A 57 5.38 7.66 34.68
CA ARG A 57 4.80 8.80 33.93
C ARG A 57 3.44 9.26 34.51
N ALA A 58 2.61 8.32 34.97
CA ALA A 58 1.33 8.70 35.61
C ALA A 58 1.56 9.52 36.87
N LYS A 59 2.62 9.18 37.62
CA LYS A 59 2.94 9.91 38.81
C LYS A 59 3.40 11.30 38.43
N GLU A 60 4.37 11.39 37.52
CA GLU A 60 4.83 12.69 37.08
C GLU A 60 3.73 13.57 36.51
N LEU A 61 2.79 12.97 35.78
CA LEU A 61 1.69 13.72 35.18
C LEU A 61 0.66 14.11 36.25
N ASN A 62 0.20 13.12 37.00
CA ASN A 62 -0.78 13.36 38.06
C ASN A 62 -0.11 13.44 39.42
N LYS A 63 0.08 14.67 39.91
CA LYS A 63 0.71 14.89 41.20
C LYS A 63 -0.28 14.75 42.35
N ARG A 64 -1.24 13.85 42.20
CA ARG A 64 -2.24 13.62 43.23
C ARG A 64 -3.04 12.32 43.08
N LEU A 65 -2.62 11.44 42.16
CA LEU A 65 -3.26 10.14 42.00
C LEU A 65 -2.42 9.00 42.56
N THR A 66 -3.09 7.95 42.99
CA THR A 66 -2.44 6.77 43.51
C THR A 66 -3.25 5.59 43.02
N ALA A 67 -2.62 4.80 42.13
CA ALA A 67 -3.16 3.54 41.58
C ALA A 67 -2.04 2.70 40.95
N PRO A 68 -2.26 1.39 40.81
CA PRO A 68 -1.30 0.62 40.08
C PRO A 68 -1.36 0.99 38.60
N PRO A 69 -0.33 0.59 37.81
CA PRO A 69 -0.36 0.89 36.41
C PRO A 69 -1.60 0.31 35.75
N ALA A 70 -2.04 -0.86 36.17
CA ALA A 70 -3.27 -1.46 35.64
C ALA A 70 -4.43 -0.46 35.57
N ALA A 71 -4.69 0.29 36.65
CA ALA A 71 -5.81 1.20 36.59
C ALA A 71 -5.58 2.22 35.47
N PHE A 72 -4.33 2.66 35.32
CA PHE A 72 -4.00 3.69 34.37
C PHE A 72 -4.15 3.14 32.96
N LEU A 73 -3.90 1.85 32.79
CA LEU A 73 -3.92 1.24 31.48
C LEU A 73 -5.33 0.90 31.01
N CYS A 74 -6.15 0.33 31.92
CA CYS A 74 -7.58 0.04 31.67
C CYS A 74 -8.40 1.29 31.36
N HIS A 75 -8.20 2.38 32.12
CA HIS A 75 -8.79 3.66 31.72
C HIS A 75 -8.40 4.12 30.33
N LEU A 76 -7.15 3.89 29.91
CA LEU A 76 -6.72 4.35 28.59
C LEU A 76 -7.37 3.52 27.49
N ASP A 77 -7.55 2.25 27.78
CA ASP A 77 -8.15 1.36 26.84
C ASP A 77 -9.65 1.62 26.71
N ASN A 78 -10.33 1.89 27.84
CA ASN A 78 -11.75 2.22 27.79
C ASN A 78 -12.06 3.63 27.26
N LEU A 79 -11.02 4.46 27.15
CA LEU A 79 -11.13 5.80 26.57
C LEU A 79 -10.89 5.80 25.03
N LEU A 80 -10.08 4.86 24.57
CA LEU A 80 -9.65 4.81 23.18
C LEU A 80 -10.33 3.75 22.33
N ARG A 81 -10.91 2.72 22.92
CA ARG A 81 -11.66 1.72 22.13
C ARG A 81 -12.83 2.35 21.36
N PRO A 82 -13.76 3.01 22.08
CA PRO A 82 -14.94 3.46 21.37
C PRO A 82 -14.56 4.47 20.30
N LEU A 83 -13.64 5.36 20.66
CA LEU A 83 -13.26 6.51 19.84
C LEU A 83 -12.71 6.10 18.49
N LEU A 84 -12.05 4.95 18.46
CA LEU A 84 -11.26 4.50 17.33
C LEU A 84 -12.05 3.70 16.31
N ALA A 93 -13.75 13.87 27.08
CA ALA A 93 -12.28 13.88 27.04
C ALA A 93 -11.76 14.45 25.72
N THR A 94 -10.48 14.84 25.70
CA THR A 94 -9.98 15.66 24.60
C THR A 94 -8.47 15.55 24.35
N PHE A 95 -8.11 15.68 23.06
CA PHE A 95 -6.76 15.39 22.61
C PHE A 95 -6.06 16.62 22.06
N SER A 96 -4.73 16.55 21.99
CA SER A 96 -3.88 17.53 21.31
C SER A 96 -2.63 16.83 20.76
N CYS A 97 -2.02 17.45 19.76
CA CYS A 97 -0.88 16.87 19.08
C CYS A 97 0.24 17.86 18.91
N ASP A 98 1.38 17.55 19.54
CA ASP A 98 2.60 18.35 19.48
C ASP A 98 3.72 17.51 18.83
N CYS A 99 4.60 18.16 18.06
CA CYS A 99 5.86 17.58 17.58
C CYS A 99 7.09 18.21 18.24
N VAL A 100 8.12 17.41 18.44
CA VAL A 100 9.43 17.86 18.91
C VAL A 100 10.46 17.08 18.12
N ALA A 101 11.41 17.78 17.49
CA ALA A 101 12.35 17.13 16.56
C ALA A 101 11.64 15.97 15.85
N ASP A 102 12.22 14.76 15.93
CA ASP A 102 11.71 13.56 15.22
C ASP A 102 10.46 12.87 15.84
N ALA A 103 9.98 13.40 16.96
CA ALA A 103 9.04 12.69 17.78
C ALA A 103 7.66 13.30 17.71
N LEU A 104 6.65 12.51 18.10
CA LEU A 104 5.26 13.02 18.19
C LEU A 104 4.74 12.79 19.57
N ILE A 105 4.01 13.76 20.08
CA ILE A 105 3.44 13.61 21.42
C ILE A 105 1.95 13.78 21.35
N LEU A 106 1.24 12.72 21.67
CA LEU A 106 -0.18 12.70 21.73
C LEU A 106 -0.66 12.80 23.18
N ARG A 107 -1.36 13.90 23.43
CA ARG A 107 -1.79 14.28 24.75
C ARG A 107 -3.26 13.97 25.00
N VAL A 108 -3.53 13.47 26.19
CA VAL A 108 -4.86 13.18 26.66
C VAL A 108 -5.19 14.04 27.86
N ARG A 109 -6.40 14.60 27.83
CA ARG A 109 -7.02 15.25 28.96
C ARG A 109 -8.42 14.65 29.19
N SER A 110 -8.58 14.01 30.33
CA SER A 110 -9.78 13.26 30.66
C SER A 110 -9.89 12.99 32.16
N GLU A 111 -10.81 12.12 32.57
CA GLU A 111 -11.11 11.89 33.97
C GLU A 111 -11.17 10.38 34.32
N LEU A 112 -10.58 9.99 35.46
CA LEU A 112 -10.71 8.63 36.01
C LEU A 112 -11.35 8.72 37.40
N SER A 113 -12.44 7.97 37.61
CA SER A 113 -13.18 7.98 38.89
C SER A 113 -13.42 9.42 39.38
N GLY A 114 -13.92 10.25 38.45
CA GLY A 114 -14.30 11.61 38.76
C GLY A 114 -13.14 12.52 39.12
N LEU A 115 -11.93 12.07 38.82
CA LEU A 115 -10.72 12.90 38.99
C LEU A 115 -9.99 13.06 37.64
N PRO A 116 -9.55 14.30 37.32
CA PRO A 116 -8.97 14.59 36.00
C PRO A 116 -7.68 13.80 35.75
N PHE A 117 -7.57 13.19 34.58
CA PHE A 117 -6.43 12.35 34.27
C PHE A 117 -5.68 12.82 33.02
N TYR A 118 -4.35 12.89 33.16
CA TYR A 118 -3.49 13.41 32.09
C TYR A 118 -2.53 12.34 31.64
N TRP A 119 -2.37 12.22 30.33
CA TRP A 119 -1.48 11.22 29.79
C TRP A 119 -0.88 11.72 28.51
N ASN A 120 0.41 11.48 28.32
CA ASN A 120 0.98 11.87 27.06
C ASN A 120 1.52 10.65 26.37
N PHE A 121 1.04 10.38 25.16
CA PHE A 121 1.70 9.36 24.35
C PHE A 121 3.01 9.89 23.73
N HIS A 122 4.14 9.27 24.05
CA HIS A 122 5.41 9.70 23.44
C HIS A 122 5.92 8.77 22.31
N CYS A 123 5.78 9.21 21.07
CA CYS A 123 6.10 8.35 19.95
C CYS A 123 7.32 8.84 19.19
N LEU A 125 9.78 8.08 15.70
CA LEU A 125 9.62 7.56 14.36
C LEU A 125 9.62 6.04 14.42
N ALA A 126 8.64 5.44 13.76
CA ALA A 126 8.55 3.98 13.68
C ALA A 126 9.74 3.44 12.90
N SER A 127 10.27 2.31 13.33
CA SER A 127 11.33 1.65 12.61
C SER A 127 10.81 1.13 11.26
N PRO A 128 11.75 0.85 10.32
CA PRO A 128 11.37 0.32 9.02
C PRO A 128 10.65 -1.03 9.11
N SER A 129 11.02 -1.85 10.08
CA SER A 129 10.32 -3.13 10.33
C SER A 129 8.81 -2.97 10.52
N LEU A 130 8.44 -2.05 11.40
CA LEU A 130 7.03 -1.73 11.64
C LEU A 130 6.29 -1.20 10.42
N VAL A 131 6.94 -0.29 9.69
CA VAL A 131 6.30 0.44 8.59
C VAL A 131 6.03 -0.54 7.45
N SER A 132 6.94 -1.47 7.29
CA SER A 132 6.79 -2.60 6.34
C SER A 132 5.60 -3.53 6.75
N GLN A 133 5.59 -3.94 8.01
CA GLN A 133 4.61 -4.90 8.49
C GLN A 133 3.22 -4.32 8.61
N HIS A 134 3.12 -3.06 9.03
CA HIS A 134 1.81 -2.45 9.29
C HIS A 134 1.22 -1.66 8.12
N LEU A 135 2.08 -1.13 7.27
CA LEU A 135 1.69 -0.34 6.09
C LEU A 135 2.06 -1.01 4.75
N ILE A 136 3.35 -1.02 4.40
CA ILE A 136 3.73 -1.34 3.01
C ILE A 136 3.20 -2.68 2.59
N ARG A 137 3.63 -3.75 3.26
CA ARG A 137 3.27 -5.10 2.86
C ARG A 137 1.76 -5.36 2.74
N PRO A 138 0.98 -5.11 3.81
CA PRO A 138 -0.43 -5.36 3.68
C PRO A 138 -1.09 -4.56 2.59
N LEU A 139 -0.71 -3.29 2.46
CA LEU A 139 -1.25 -2.43 1.41
C LEU A 139 -0.94 -2.96 0.03
N GLY A 141 -0.43 -6.23 -0.66
CA GLY A 141 -1.24 -7.44 -0.69
C GLY A 141 -2.69 -7.14 -1.05
N SER A 143 -3.86 -4.50 -2.87
CA SER A 143 -3.87 -4.08 -4.30
C SER A 143 -3.86 -5.28 -5.28
N LEU A 144 -2.99 -6.24 -5.00
CA LEU A 144 -2.94 -7.51 -5.70
C LEU A 144 -4.28 -8.25 -5.65
N ALA A 145 -4.74 -8.56 -4.44
CA ALA A 145 -6.04 -9.19 -4.21
C ALA A 145 -7.17 -8.43 -4.86
N LEU A 146 -7.17 -7.11 -4.73
CA LEU A 146 -8.22 -6.34 -5.38
C LEU A 146 -8.12 -6.51 -6.92
N GLN A 147 -6.88 -6.56 -7.42
CA GLN A 147 -6.65 -6.72 -8.84
C GLN A 147 -7.13 -8.12 -9.26
N CYS A 148 -7.10 -9.09 -8.35
CA CYS A 148 -7.72 -10.39 -8.62
C CYS A 148 -9.23 -10.30 -8.65
N GLN A 149 -9.79 -9.49 -7.78
CA GLN A 149 -11.23 -9.34 -7.77
C GLN A 149 -11.74 -8.88 -9.12
N VAL A 150 -11.18 -7.74 -9.57
CA VAL A 150 -11.42 -7.13 -10.88
C VAL A 150 -11.40 -8.20 -11.96
N ARG A 151 -10.29 -8.94 -12.03
CA ARG A 151 -10.17 -10.00 -13.00
C ARG A 151 -11.21 -11.09 -12.86
N GLU A 152 -11.55 -11.45 -11.66
CA GLU A 152 -12.56 -12.48 -11.51
C GLU A 152 -13.98 -11.95 -11.87
N LEU A 153 -14.18 -10.64 -11.71
CA LEU A 153 -15.46 -10.03 -12.00
C LEU A 153 -15.61 -9.77 -13.50
N ALA A 154 -14.49 -9.52 -14.16
CA ALA A 154 -14.50 -9.34 -15.61
C ALA A 154 -14.82 -10.67 -16.30
N THR A 155 -14.30 -11.77 -15.78
CA THR A 155 -14.66 -13.07 -16.33
C THR A 155 -16.12 -13.41 -16.02
N LEU A 156 -16.59 -13.01 -14.84
CA LEU A 156 -18.02 -13.12 -14.53
C LEU A 156 -18.86 -12.36 -15.53
N LEU A 157 -18.43 -11.12 -15.85
CA LEU A 157 -19.16 -10.24 -16.77
C LEU A 157 -19.20 -10.77 -18.20
N HIS A 158 -18.08 -11.36 -18.67
CA HIS A 158 -18.04 -11.91 -20.05
C HIS A 158 -18.91 -13.19 -20.15
N LYS A 160 -21.75 -13.54 -18.42
CA LYS A 160 -23.12 -13.10 -18.59
C LYS A 160 -23.37 -12.59 -20.01
N ASP A 161 -22.38 -11.99 -20.66
CA ASP A 161 -22.56 -11.63 -22.07
C ASP A 161 -22.73 -12.84 -23.02
N LEU A 162 -22.09 -13.97 -22.74
CA LEU A 162 -22.27 -15.12 -23.62
C LEU A 162 -23.69 -15.68 -23.46
N GLU A 163 -24.28 -15.45 -22.29
CA GLU A 163 -25.63 -15.89 -22.01
C GLU A 163 -26.66 -15.05 -22.74
N ILE A 164 -26.54 -13.74 -22.67
CA ILE A 164 -27.55 -12.89 -23.34
C ILE A 164 -27.44 -13.01 -24.85
N GLN A 165 -26.22 -13.21 -25.33
CA GLN A 165 -26.00 -13.43 -26.73
C GLN A 165 -26.66 -14.73 -27.15
N ASP A 166 -26.56 -15.75 -26.30
CA ASP A 166 -27.29 -16.98 -26.55
C ASP A 166 -28.81 -16.74 -26.65
N TYR A 167 -29.35 -15.74 -25.95
CA TYR A 167 -30.78 -15.38 -26.06
C TYR A 167 -31.06 -14.63 -27.35
N GLN A 168 -30.29 -13.57 -27.59
CA GLN A 168 -30.50 -12.74 -28.76
C GLN A 168 -29.99 -13.42 -30.03
N GLU A 169 -28.72 -13.80 -30.04
CA GLU A 169 -28.05 -14.42 -31.21
C GLU A 169 -28.76 -15.69 -31.67
N SER A 170 -29.25 -16.50 -30.72
CA SER A 170 -29.84 -17.77 -31.10
C SER A 170 -31.20 -18.07 -30.45
N GLY A 171 -31.31 -17.82 -29.14
CA GLY A 171 -32.57 -18.03 -28.45
C GLY A 171 -33.73 -17.64 -29.36
N ALA A 172 -33.47 -16.63 -30.19
CA ALA A 172 -34.40 -16.02 -31.17
C ALA A 172 -35.46 -15.14 -30.52
N THR A 173 -35.05 -14.32 -29.54
CA THR A 173 -35.99 -13.56 -28.71
C THR A 173 -35.51 -12.14 -28.33
N LEU A 174 -36.44 -11.35 -27.77
CA LEU A 174 -36.15 -9.98 -27.36
C LEU A 174 -36.78 -9.61 -26.00
N ILE A 175 -36.48 -8.39 -25.54
CA ILE A 175 -36.85 -7.90 -24.22
C ILE A 175 -37.82 -6.71 -24.26
N ARG A 176 -37.95 -6.03 -23.12
CA ARG A 176 -38.61 -4.72 -23.03
C ARG A 176 -37.74 -3.54 -23.55
N ASP A 177 -36.46 -3.79 -23.79
CA ASP A 177 -35.58 -2.84 -24.47
C ASP A 177 -35.01 -1.72 -23.60
N ARG A 178 -35.67 -1.46 -22.46
CA ARG A 178 -35.21 -0.40 -21.56
C ARG A 178 -34.10 -0.90 -20.63
N LEU A 179 -33.48 -2.04 -20.96
CA LEU A 179 -32.58 -2.70 -19.98
C LEU A 179 -31.38 -3.38 -20.64
N LYS A 180 -31.25 -3.21 -21.96
CA LYS A 180 -30.23 -3.86 -22.73
C LYS A 180 -28.89 -3.29 -22.36
N THR A 181 -27.99 -4.15 -21.88
CA THR A 181 -26.72 -3.67 -21.42
C THR A 181 -25.74 -3.75 -22.55
N GLU A 182 -24.70 -2.95 -22.44
CA GLU A 182 -23.65 -2.94 -23.39
C GLU A 182 -22.73 -4.13 -23.11
N PRO A 183 -22.26 -4.79 -24.18
CA PRO A 183 -21.26 -5.85 -23.97
C PRO A 183 -20.00 -5.29 -23.24
N PHE A 184 -19.50 -6.06 -22.30
CA PHE A 184 -18.44 -5.60 -21.43
C PHE A 184 -17.05 -5.82 -22.04
N GLU A 185 -16.26 -4.77 -22.09
CA GLU A 185 -14.93 -4.86 -22.68
C GLU A 185 -13.96 -4.23 -21.70
N GLU A 186 -13.09 -5.05 -21.12
CA GLU A 186 -12.23 -4.53 -20.08
C GLU A 186 -11.26 -3.43 -20.52
N ASN A 187 -10.85 -3.46 -21.79
CA ASN A 187 -10.05 -2.36 -22.32
C ASN A 187 -10.78 -1.02 -22.20
N SER A 188 -11.97 -0.93 -22.76
CA SER A 188 -12.72 0.30 -22.65
C SER A 188 -13.20 0.57 -21.23
N PHE A 189 -13.45 -0.48 -20.45
CA PHE A 189 -13.76 -0.28 -19.05
C PHE A 189 -12.66 0.48 -18.29
N LEU A 190 -11.41 0.05 -18.47
CA LEU A 190 -10.28 0.68 -17.78
C LEU A 190 -10.05 2.13 -18.23
N GLU A 191 -10.09 2.32 -19.54
CA GLU A 191 -9.81 3.61 -20.16
C GLU A 191 -10.79 4.67 -19.67
N GLN A 192 -12.06 4.30 -19.55
CA GLN A 192 -13.05 5.24 -19.04
C GLN A 192 -12.85 5.41 -17.54
N PHE A 193 -12.46 4.33 -16.87
CA PHE A 193 -12.17 4.43 -15.45
C PHE A 193 -10.95 5.30 -15.18
N ILE A 195 -9.65 7.66 -17.09
CA ILE A 195 -9.68 9.08 -17.45
C ILE A 195 -10.71 9.74 -16.56
N GLU A 196 -11.83 9.05 -16.35
CA GLU A 196 -13.01 9.65 -15.80
C GLU A 196 -13.11 9.54 -14.31
N LYS A 197 -12.52 8.50 -13.72
CA LYS A 197 -12.78 8.23 -12.31
C LYS A 197 -11.60 8.28 -11.36
N LEU A 198 -10.39 8.01 -11.86
CA LEU A 198 -9.17 7.86 -11.06
C LEU A 198 -8.77 9.08 -10.22
N PRO A 199 -9.02 10.31 -10.73
CA PRO A 199 -8.59 11.52 -10.03
C PRO A 199 -9.12 11.65 -8.62
N GLU A 200 -10.36 11.25 -8.36
CA GLU A 200 -10.86 11.28 -6.97
C GLU A 200 -10.75 9.92 -6.32
N ALA A 201 -10.75 8.87 -7.14
CA ALA A 201 -10.75 7.52 -6.64
C ALA A 201 -9.50 7.21 -5.83
N CYS A 202 -8.37 7.79 -6.19
CA CYS A 202 -7.15 7.49 -5.47
C CYS A 202 -6.84 8.65 -4.54
N SER A 203 -7.86 9.06 -3.76
CA SER A 203 -7.61 10.21 -2.86
C SER A 203 -7.23 9.82 -1.45
N ILE A 204 -5.98 10.07 -1.09
CA ILE A 204 -5.46 9.69 0.20
C ILE A 204 -6.24 10.43 1.27
N GLY A 205 -6.53 11.70 1.02
CA GLY A 205 -7.25 12.53 1.98
C GLY A 205 -6.78 12.46 3.43
N ASP A 206 -7.74 12.41 4.34
CA ASP A 206 -7.40 12.36 5.74
C ASP A 206 -7.07 10.96 6.26
N GLY A 207 -6.90 10.01 5.35
CA GLY A 207 -6.88 8.60 5.69
C GLY A 207 -8.28 8.20 6.15
N LYS A 208 -9.20 9.14 6.06
CA LYS A 208 -10.53 8.90 6.56
C LYS A 208 -11.26 7.77 5.80
N PRO A 209 -11.24 7.80 4.45
CA PRO A 209 -11.96 6.75 3.69
C PRO A 209 -11.24 5.42 3.66
N PHE A 210 -9.91 5.44 3.66
CA PHE A 210 -9.09 4.20 3.82
C PHE A 210 -9.53 3.41 5.05
N VAL A 211 -9.81 4.08 6.17
CA VAL A 211 -10.23 3.32 7.35
C VAL A 211 -11.68 2.91 7.33
N ASN A 213 -13.48 2.11 4.07
CA ASN A 213 -13.74 1.29 2.91
C ASN A 213 -12.81 0.06 2.81
N LEU A 214 -11.75 0.02 3.60
CA LEU A 214 -10.71 -0.93 3.31
C LEU A 214 -10.27 -1.84 4.40
N GLN A 215 -10.78 -1.60 5.61
CA GLN A 215 -10.21 -2.22 6.79
C GLN A 215 -10.50 -3.68 6.89
N ASP A 216 -11.65 -4.13 6.39
CA ASP A 216 -11.99 -5.54 6.37
C ASP A 216 -11.00 -6.26 5.46
N LEU A 217 -10.78 -5.73 4.27
CA LEU A 217 -9.74 -6.27 3.40
C LEU A 217 -8.36 -6.20 4.08
N TYR A 218 -8.05 -5.07 4.74
CA TYR A 218 -6.78 -4.94 5.50
C TYR A 218 -6.59 -6.07 6.52
N ALA A 220 -7.95 -8.96 6.58
CA ALA A 220 -7.93 -10.26 6.02
C ALA A 220 -6.54 -10.50 5.38
N VAL A 221 -5.95 -9.44 4.81
CA VAL A 221 -4.61 -9.55 4.30
C VAL A 221 -3.61 -9.84 5.41
N THR A 222 -3.71 -9.10 6.52
CA THR A 222 -2.77 -9.30 7.64
C THR A 222 -2.86 -10.66 8.29
N THR A 223 -4.08 -11.16 8.48
CA THR A 223 -4.23 -12.46 9.04
C THR A 223 -3.50 -13.41 8.12
N GLN A 224 -3.77 -13.30 6.83
CA GLN A 224 -3.14 -14.18 5.85
C GLN A 224 -1.59 -14.12 5.90
N HIS A 225 -1.07 -12.92 5.70
CA HIS A 225 0.37 -12.67 5.65
C HIS A 225 1.07 -13.26 6.86
N HIS A 226 0.41 -13.17 8.02
CA HIS A 226 0.94 -13.70 9.27
C HIS A 226 0.55 -15.15 9.68
N HIS A 227 -0.09 -15.93 8.81
CA HIS A 227 -0.59 -17.26 9.28
C HIS A 227 -0.76 -18.32 8.20
N GLU B 2 17.10 18.51 -7.97
CA GLU B 2 15.77 18.57 -7.42
C GLU B 2 14.80 18.00 -8.44
N GLU B 3 15.03 18.30 -9.71
CA GLU B 3 14.29 17.67 -10.81
C GLU B 3 14.46 16.14 -10.91
N LEU B 4 15.64 15.64 -10.56
CA LEU B 4 15.92 14.21 -10.55
C LEU B 4 15.06 13.46 -9.55
N GLU B 5 14.89 14.05 -8.36
CA GLU B 5 13.99 13.51 -7.36
C GLU B 5 12.53 13.52 -7.84
N GLN B 6 12.13 14.61 -8.50
CA GLN B 6 10.77 14.73 -9.06
C GLN B 6 10.44 13.67 -10.13
N GLY B 7 11.27 13.61 -11.19
CA GLY B 7 11.19 12.53 -12.17
C GLY B 7 11.16 11.11 -11.62
N LEU B 8 11.64 10.89 -10.40
CA LEU B 8 11.71 9.51 -9.81
C LEU B 8 10.38 8.97 -9.30
N LEU B 9 9.56 9.89 -8.81
CA LEU B 9 8.22 9.64 -8.26
C LEU B 9 7.33 8.95 -9.26
N GLN B 11 8.47 6.99 -12.10
CA GLN B 11 8.94 5.83 -12.81
C GLN B 11 8.28 4.63 -12.14
N PRO B 12 8.03 3.56 -12.90
CA PRO B 12 7.44 2.33 -12.33
C PRO B 12 8.52 1.48 -11.64
N TRP B 13 8.13 0.42 -10.96
CA TRP B 13 9.14 -0.43 -10.37
C TRP B 13 9.60 -1.55 -11.33
N ALA B 14 10.91 -1.66 -11.52
CA ALA B 14 11.49 -2.86 -12.12
C ALA B 14 11.79 -3.95 -11.08
N TRP B 15 11.78 -5.19 -11.54
CA TRP B 15 12.14 -6.33 -10.74
C TRP B 15 13.56 -6.76 -11.09
N LEU B 16 14.37 -7.09 -10.10
CA LEU B 16 15.74 -7.49 -10.36
C LEU B 16 16.07 -8.86 -9.81
N GLN B 17 16.84 -9.62 -10.57
CA GLN B 17 17.14 -11.01 -10.23
C GLN B 17 18.48 -11.12 -9.52
N LEU B 18 18.49 -11.47 -8.24
CA LEU B 18 19.79 -11.66 -7.58
C LEU B 18 20.06 -13.13 -7.14
N ALA B 19 21.25 -13.36 -6.60
CA ALA B 19 21.70 -14.70 -6.25
C ALA B 19 20.94 -15.23 -5.03
N GLU B 20 20.89 -14.43 -3.96
CA GLU B 20 20.18 -14.80 -2.71
C GLU B 20 18.83 -14.08 -2.52
N ASN B 21 18.56 -13.02 -3.27
CA ASN B 21 17.21 -12.40 -3.22
C ASN B 21 16.89 -11.71 -4.53
N SER B 22 15.76 -11.03 -4.58
CA SER B 22 15.47 -10.21 -5.72
C SER B 22 15.29 -8.84 -5.18
N LEU B 23 15.44 -7.83 -6.03
CA LEU B 23 15.16 -6.45 -5.61
C LEU B 23 14.12 -5.79 -6.48
N LEU B 24 13.50 -4.76 -5.93
CA LEU B 24 12.67 -3.89 -6.75
C LEU B 24 13.40 -2.61 -6.91
N ALA B 25 13.49 -2.10 -8.14
CA ALA B 25 14.22 -0.87 -8.38
C ALA B 25 13.52 0.09 -9.30
N LYS B 26 13.43 1.36 -8.92
CA LYS B 26 12.94 2.41 -9.83
C LYS B 26 14.04 3.41 -10.00
N VAL B 27 14.21 3.95 -11.19
CA VAL B 27 15.35 4.82 -11.43
C VAL B 27 15.06 5.96 -12.43
N PHE B 28 15.64 7.13 -12.19
CA PHE B 28 15.46 8.28 -13.07
C PHE B 28 16.81 8.89 -13.53
N ILE B 29 17.22 8.70 -14.78
CA ILE B 29 18.55 9.19 -15.25
C ILE B 29 18.46 10.35 -16.22
N THR B 30 19.28 11.35 -15.99
CA THR B 30 19.40 12.49 -16.93
C THR B 30 20.88 12.70 -17.17
N LYS B 31 21.24 13.70 -17.95
CA LYS B 31 22.64 14.13 -18.04
C LYS B 31 23.18 14.70 -16.72
N GLN B 32 22.26 14.97 -15.76
CA GLN B 32 22.64 15.70 -14.59
C GLN B 32 23.10 14.78 -13.49
N GLY B 33 22.66 13.52 -13.60
CA GLY B 33 22.95 12.51 -12.58
C GLY B 33 21.88 11.44 -12.57
N TYR B 34 21.62 10.91 -11.37
CA TYR B 34 20.58 9.94 -11.17
C TYR B 34 20.10 9.88 -9.72
N ALA B 35 18.95 9.23 -9.56
CA ALA B 35 18.29 9.04 -8.31
C ALA B 35 17.69 7.66 -8.46
N LEU B 36 17.93 6.79 -7.47
CA LEU B 36 17.42 5.43 -7.47
C LEU B 36 16.81 5.09 -6.13
N LEU B 37 15.74 4.28 -6.18
CA LEU B 37 15.17 3.69 -4.98
C LEU B 37 15.04 2.19 -5.09
N VAL B 38 15.64 1.46 -4.14
CA VAL B 38 15.57 0.00 -4.15
C VAL B 38 14.88 -0.58 -2.94
N SER B 39 14.22 -1.70 -3.12
CA SER B 39 13.50 -2.34 -2.02
C SER B 39 13.51 -3.83 -2.11
N ASP B 40 13.58 -4.50 -0.96
CA ASP B 40 13.46 -5.95 -0.90
C ASP B 40 12.15 -6.34 -0.18
N LEU B 41 11.28 -5.35 0.08
CA LEU B 41 9.98 -5.58 0.67
C LEU B 41 10.07 -5.90 2.17
N GLN B 42 11.22 -5.55 2.72
CA GLN B 42 11.46 -5.37 4.12
C GLN B 42 12.01 -3.95 4.32
N GLN B 43 13.04 -3.60 3.55
CA GLN B 43 13.67 -2.28 3.64
C GLN B 43 13.76 -1.52 2.30
N VAL B 44 14.03 -0.23 2.41
CA VAL B 44 14.09 0.61 1.25
C VAL B 44 15.36 1.41 1.24
N TRP B 45 16.05 1.37 0.11
CA TRP B 45 17.27 2.15 0.00
C TRP B 45 17.23 3.26 -1.09
N HIS B 46 18.09 4.26 -0.92
CA HIS B 46 18.06 5.46 -1.73
C HIS B 46 19.47 5.85 -2.15
N GLU B 47 19.62 6.38 -3.36
CA GLU B 47 20.83 7.03 -3.82
C GLU B 47 20.56 8.09 -4.89
N GLN B 48 21.14 9.28 -4.67
CA GLN B 48 21.10 10.37 -5.65
C GLN B 48 22.51 10.80 -5.92
N VAL B 49 22.85 11.02 -7.17
CA VAL B 49 24.23 11.23 -7.55
C VAL B 49 24.22 12.26 -8.62
N ASP B 50 25.29 13.06 -8.70
CA ASP B 50 25.54 14.04 -9.78
C ASP B 50 26.70 13.60 -10.64
N THR B 51 27.06 14.40 -11.64
CA THR B 51 28.07 13.99 -12.59
C THR B 51 29.48 14.10 -12.05
N SER B 52 29.67 14.78 -10.92
CA SER B 52 30.97 14.77 -10.24
C SER B 52 31.32 13.38 -9.70
N VAL B 53 30.35 12.77 -9.02
CA VAL B 53 30.49 11.43 -8.47
C VAL B 53 30.64 10.42 -9.58
N VAL B 54 30.01 10.68 -10.73
CA VAL B 54 29.99 9.69 -11.78
C VAL B 54 31.39 9.48 -12.26
N SER B 55 32.13 10.53 -12.58
CA SER B 55 33.47 10.31 -13.11
C SER B 55 34.48 9.82 -12.10
N GLN B 56 34.38 10.24 -10.86
CA GLN B 56 35.24 9.66 -9.84
C GLN B 56 34.97 8.15 -9.71
N ARG B 57 33.71 7.80 -9.49
CA ARG B 57 33.37 6.40 -9.29
C ARG B 57 33.67 5.49 -10.49
N ALA B 58 33.45 5.97 -11.73
CA ALA B 58 33.75 5.17 -12.90
C ALA B 58 35.25 4.96 -13.08
N LYS B 59 36.03 5.99 -12.74
CA LYS B 59 37.47 5.90 -12.82
C LYS B 59 37.95 4.84 -11.83
N GLU B 60 37.34 4.74 -10.64
CA GLU B 60 37.71 3.71 -9.68
C GLU B 60 37.37 2.28 -10.12
N LEU B 61 36.28 2.14 -10.86
CA LEU B 61 35.64 0.85 -11.04
C LEU B 61 36.02 0.29 -12.37
N ASN B 62 36.36 1.19 -13.28
CA ASN B 62 36.65 0.79 -14.64
C ASN B 62 38.08 1.19 -14.97
N LYS B 63 38.90 0.20 -15.31
CA LYS B 63 40.29 0.46 -15.73
C LYS B 63 40.46 0.18 -17.21
N ARG B 64 39.61 -0.71 -17.71
CA ARG B 64 39.64 -1.16 -19.09
C ARG B 64 39.18 -0.10 -20.08
N LEU B 65 38.49 0.93 -19.55
CA LEU B 65 37.80 1.95 -20.35
C LEU B 65 37.64 3.30 -19.64
N THR B 66 37.37 4.36 -20.40
CA THR B 66 36.89 5.62 -19.84
C THR B 66 35.95 6.32 -20.86
N ALA B 67 35.29 7.40 -20.44
CA ALA B 67 34.31 8.08 -21.30
C ALA B 67 33.79 9.26 -20.49
N PRO B 68 33.10 10.21 -21.14
CA PRO B 68 32.53 11.29 -20.33
C PRO B 68 31.37 10.83 -19.41
N PRO B 69 31.19 11.51 -18.26
CA PRO B 69 30.16 11.07 -17.32
C PRO B 69 28.82 10.87 -17.99
N ALA B 70 28.43 11.78 -18.89
CA ALA B 70 27.08 11.77 -19.45
C ALA B 70 26.84 10.53 -20.28
N ALA B 71 27.91 10.01 -20.88
CA ALA B 71 27.81 8.75 -21.65
C ALA B 71 27.63 7.55 -20.73
N PHE B 72 28.29 7.56 -19.57
CA PHE B 72 28.11 6.47 -18.61
C PHE B 72 26.67 6.45 -18.19
N LEU B 73 26.14 7.64 -17.89
CA LEU B 73 24.74 7.82 -17.48
C LEU B 73 23.79 7.37 -18.55
N CYS B 74 24.12 7.69 -19.79
CA CYS B 74 23.28 7.33 -20.90
C CYS B 74 23.24 5.82 -21.09
N HIS B 75 24.39 5.16 -20.86
CA HIS B 75 24.46 3.69 -20.96
C HIS B 75 23.70 3.03 -19.82
N LEU B 76 23.72 3.64 -18.63
CA LEU B 76 22.97 3.12 -17.50
C LEU B 76 21.46 3.31 -17.76
N ASP B 77 21.11 4.39 -18.45
CA ASP B 77 19.73 4.63 -18.83
C ASP B 77 19.26 3.40 -19.61
N ASN B 78 20.11 2.93 -20.53
CA ASN B 78 19.83 1.72 -21.27
C ASN B 78 19.51 0.53 -20.39
N LEU B 79 20.24 0.32 -19.30
CA LEU B 79 19.98 -0.76 -18.33
C LEU B 79 19.01 -1.82 -18.79
N ALA B 93 22.71 -7.58 -18.49
CA ALA B 93 23.17 -7.02 -17.21
C ALA B 93 23.36 -8.11 -16.17
N THR B 94 24.46 -8.10 -15.43
CA THR B 94 24.63 -9.00 -14.29
C THR B 94 24.54 -8.23 -12.96
N PHE B 95 23.58 -8.60 -12.09
CA PHE B 95 23.44 -7.89 -10.80
C PHE B 95 23.84 -8.69 -9.58
N SER B 96 24.60 -8.08 -8.68
CA SER B 96 24.91 -8.69 -7.38
C SER B 96 24.85 -7.58 -6.36
N CYS B 97 24.77 -7.93 -5.07
CA CYS B 97 24.86 -6.91 -4.00
C CYS B 97 25.35 -7.45 -2.69
N ASP B 98 25.75 -6.51 -1.84
CA ASP B 98 26.17 -6.78 -0.46
C ASP B 98 25.61 -5.69 0.47
N CYS B 99 25.34 -6.10 1.71
CA CYS B 99 24.76 -5.20 2.70
C CYS B 99 25.64 -5.12 3.89
N VAL B 100 26.25 -3.94 4.06
CA VAL B 100 26.96 -3.56 5.28
C VAL B 100 26.09 -2.62 6.13
N ALA B 101 25.73 -3.06 7.32
CA ALA B 101 24.82 -2.26 8.18
C ALA B 101 23.68 -1.69 7.33
N ASP B 102 23.52 -0.37 7.36
CA ASP B 102 22.41 0.19 6.64
C ASP B 102 22.69 0.54 5.19
N ALA B 103 23.82 0.08 4.67
CA ALA B 103 24.20 0.28 3.25
C ALA B 103 23.85 -0.93 2.41
N LEU B 104 23.17 -0.70 1.30
CA LEU B 104 23.17 -1.69 0.22
C LEU B 104 23.98 -1.21 -0.97
N ILE B 105 25.05 -1.92 -1.27
CA ILE B 105 25.80 -1.69 -2.50
C ILE B 105 25.36 -2.63 -3.63
N LEU B 106 24.67 -2.05 -4.61
CA LEU B 106 24.19 -2.78 -5.75
C LEU B 106 25.24 -2.75 -6.86
N ARG B 107 25.75 -3.93 -7.25
CA ARG B 107 26.79 -4.01 -8.30
C ARG B 107 26.23 -4.47 -9.62
N VAL B 108 26.56 -3.73 -10.68
CA VAL B 108 26.15 -4.05 -12.05
C VAL B 108 27.33 -4.36 -12.95
N ARG B 109 27.14 -5.27 -13.87
CA ARG B 109 28.17 -5.66 -14.79
C ARG B 109 27.56 -5.71 -16.20
N SER B 110 28.02 -4.81 -17.04
CA SER B 110 27.56 -4.72 -18.45
C SER B 110 28.72 -4.79 -19.45
N GLU B 111 28.37 -4.61 -20.71
CA GLU B 111 29.28 -4.63 -21.78
C GLU B 111 29.10 -3.32 -22.54
N LEU B 112 30.13 -2.47 -22.49
CA LEU B 112 30.20 -1.23 -23.27
C LEU B 112 31.43 -1.27 -24.17
N SER B 113 31.30 -0.74 -25.40
CA SER B 113 32.45 -0.69 -26.32
C SER B 113 33.15 -2.05 -26.47
N GLY B 114 32.36 -3.14 -26.42
CA GLY B 114 32.86 -4.51 -26.51
C GLY B 114 33.74 -4.95 -25.33
N LEU B 115 33.60 -4.29 -24.19
CA LEU B 115 34.41 -4.56 -23.01
C LEU B 115 33.50 -4.60 -21.79
N PRO B 116 33.91 -5.30 -20.73
CA PRO B 116 33.19 -5.27 -19.43
C PRO B 116 32.98 -3.88 -18.90
N PHE B 117 31.89 -3.66 -18.19
CA PHE B 117 31.70 -2.36 -17.53
C PHE B 117 31.10 -2.54 -16.17
N TYR B 118 31.58 -1.74 -15.21
CA TYR B 118 31.18 -1.84 -13.82
C TYR B 118 30.60 -0.58 -13.24
N TRP B 119 29.53 -0.76 -12.49
CA TRP B 119 28.90 0.29 -11.75
C TRP B 119 28.34 -0.25 -10.45
N ASN B 120 28.59 0.49 -9.38
CA ASN B 120 28.09 0.13 -8.07
C ASN B 120 27.18 1.24 -7.57
N PHE B 121 26.01 0.86 -7.10
CA PHE B 121 25.10 1.78 -6.48
C PHE B 121 25.33 1.83 -4.98
N HIS B 122 25.61 3.02 -4.47
CA HIS B 122 25.90 3.18 -3.06
C HIS B 122 24.66 3.69 -2.38
N CYS B 123 23.92 2.76 -1.79
CA CYS B 123 22.55 3.01 -1.36
C CYS B 123 22.44 2.99 0.16
N LEU B 125 19.87 3.77 3.75
CA LEU B 125 18.46 3.64 4.13
C LEU B 125 17.59 4.84 3.79
N ALA B 126 16.54 4.58 3.03
CA ALA B 126 15.67 5.62 2.50
C ALA B 126 14.99 6.35 3.65
N SER B 127 14.93 7.67 3.52
CA SER B 127 14.19 8.50 4.43
C SER B 127 12.73 8.05 4.45
N PRO B 128 12.06 8.19 5.60
CA PRO B 128 10.60 7.93 5.77
C PRO B 128 9.73 8.71 4.78
N SER B 129 10.15 9.94 4.51
CA SER B 129 9.43 10.85 3.64
C SER B 129 9.34 10.29 2.18
N LEU B 130 10.41 9.68 1.68
CA LEU B 130 10.34 9.06 0.34
C LEU B 130 9.65 7.70 0.39
N VAL B 131 9.70 7.01 1.52
CA VAL B 131 8.94 5.79 1.63
C VAL B 131 7.46 6.13 1.47
N SER B 132 7.02 7.12 2.22
CA SER B 132 5.69 7.65 2.02
C SER B 132 5.39 8.06 0.57
N GLN B 133 6.27 8.85 -0.05
CA GLN B 133 5.98 9.37 -1.40
C GLN B 133 6.02 8.28 -2.49
N HIS B 134 6.98 7.35 -2.40
CA HIS B 134 7.18 6.26 -3.35
C HIS B 134 6.39 4.94 -3.11
N LEU B 135 5.92 4.71 -1.89
CA LEU B 135 5.17 3.47 -1.66
C LEU B 135 3.81 3.67 -0.97
N ILE B 136 3.83 4.15 0.28
CA ILE B 136 2.64 4.13 1.13
C ILE B 136 1.46 4.87 0.48
N ARG B 137 1.66 6.17 0.22
CA ARG B 137 0.67 7.04 -0.41
C ARG B 137 0.21 6.46 -1.78
N PRO B 138 1.15 6.16 -2.70
CA PRO B 138 0.68 5.58 -3.96
C PRO B 138 0.02 4.25 -3.75
N LEU B 139 0.60 3.38 -2.90
CA LEU B 139 0.03 2.05 -2.68
C LEU B 139 -1.41 2.14 -2.08
N GLY B 141 -3.39 4.78 -2.43
CA GLY B 141 -4.16 5.32 -3.53
C GLY B 141 -4.63 4.25 -4.50
N SER B 143 -5.15 1.10 -3.84
CA SER B 143 -6.15 0.26 -3.19
C SER B 143 -7.52 0.89 -3.20
N LEU B 144 -7.61 2.17 -2.82
CA LEU B 144 -8.86 2.89 -3.00
C LEU B 144 -9.37 2.86 -4.45
N ALA B 145 -8.50 3.10 -5.44
CA ALA B 145 -8.90 3.05 -6.88
C ALA B 145 -9.36 1.66 -7.35
N LEU B 146 -8.70 0.62 -6.89
CA LEU B 146 -9.10 -0.74 -7.26
C LEU B 146 -10.48 -1.07 -6.70
N GLN B 147 -10.72 -0.68 -5.45
CA GLN B 147 -12.02 -0.83 -4.83
C GLN B 147 -13.20 -0.09 -5.57
N CYS B 148 -12.98 1.09 -6.14
CA CYS B 148 -14.02 1.71 -7.00
C CYS B 148 -14.31 0.87 -8.25
N GLN B 149 -13.26 0.33 -8.87
CA GLN B 149 -13.41 -0.62 -9.97
C GLN B 149 -14.27 -1.76 -9.52
N VAL B 150 -13.86 -2.49 -8.48
CA VAL B 150 -14.67 -3.61 -8.02
C VAL B 150 -16.13 -3.19 -7.97
N ARG B 151 -16.35 -2.00 -7.42
CA ARG B 151 -17.68 -1.50 -7.31
C ARG B 151 -18.40 -1.42 -8.69
N GLU B 152 -17.69 -0.89 -9.69
CA GLU B 152 -18.28 -0.65 -10.98
C GLU B 152 -18.57 -1.90 -11.77
N LEU B 153 -17.72 -2.93 -11.60
CA LEU B 153 -17.97 -4.24 -12.16
C LEU B 153 -19.22 -4.87 -11.53
N ALA B 154 -19.34 -4.80 -10.21
CA ALA B 154 -20.47 -5.34 -9.48
C ALA B 154 -21.82 -4.78 -9.89
N THR B 155 -21.86 -3.45 -10.05
CA THR B 155 -23.04 -2.76 -10.55
C THR B 155 -23.32 -3.25 -12.00
N LEU B 156 -22.28 -3.25 -12.83
CA LEU B 156 -22.36 -3.83 -14.16
C LEU B 156 -22.90 -5.29 -14.18
N LEU B 157 -22.40 -6.13 -13.29
CA LEU B 157 -22.97 -7.47 -13.13
C LEU B 157 -24.45 -7.45 -12.73
N HIS B 158 -24.81 -6.64 -11.75
CA HIS B 158 -26.19 -6.52 -11.38
C HIS B 158 -27.08 -6.05 -12.54
N LYS B 160 -26.59 -6.63 -15.70
CA LYS B 160 -26.76 -7.68 -16.70
C LYS B 160 -27.73 -8.77 -16.23
N ASP B 161 -27.86 -8.95 -14.93
CA ASP B 161 -28.84 -9.88 -14.43
C ASP B 161 -30.29 -9.44 -14.68
N LEU B 162 -30.52 -8.14 -14.46
CA LEU B 162 -31.82 -7.53 -14.67
C LEU B 162 -32.22 -7.80 -16.09
N GLU B 163 -31.21 -7.72 -16.97
CA GLU B 163 -31.39 -7.89 -18.40
C GLU B 163 -31.75 -9.34 -18.70
N ILE B 164 -31.06 -10.27 -18.04
CA ILE B 164 -31.26 -11.67 -18.35
C ILE B 164 -32.50 -12.26 -17.67
N GLN B 165 -32.85 -11.67 -16.53
CA GLN B 165 -34.07 -12.01 -15.80
C GLN B 165 -35.33 -11.59 -16.54
N ASP B 166 -35.18 -10.67 -17.47
CA ASP B 166 -36.23 -10.31 -18.40
C ASP B 166 -36.60 -11.45 -19.38
N TYR B 167 -35.57 -12.08 -19.94
CA TYR B 167 -35.73 -13.26 -20.76
C TYR B 167 -36.27 -14.39 -19.91
N GLN B 168 -35.80 -14.54 -18.68
CA GLN B 168 -36.30 -15.62 -17.86
C GLN B 168 -37.72 -15.37 -17.45
N GLU B 169 -38.07 -14.09 -17.28
CA GLU B 169 -39.39 -13.74 -16.75
C GLU B 169 -40.44 -14.26 -17.69
N SER B 170 -40.21 -14.11 -18.99
CA SER B 170 -41.23 -14.52 -19.95
C SER B 170 -40.68 -15.42 -21.02
N GLY B 171 -41.01 -16.71 -20.93
CA GLY B 171 -40.60 -17.69 -21.93
C GLY B 171 -39.12 -17.60 -22.19
N ALA B 172 -38.75 -17.37 -23.45
CA ALA B 172 -37.35 -17.29 -23.88
C ALA B 172 -36.47 -18.36 -23.23
N THR B 173 -36.13 -19.39 -24.01
CA THR B 173 -35.33 -20.50 -23.49
C THR B 173 -33.89 -20.43 -23.97
N LEU B 174 -33.00 -20.93 -23.13
CA LEU B 174 -31.60 -21.11 -23.50
C LEU B 174 -31.44 -22.30 -24.43
N ILE B 175 -30.51 -22.17 -25.36
CA ILE B 175 -30.21 -23.26 -26.28
C ILE B 175 -29.10 -24.15 -25.71
N ARG B 176 -28.02 -23.54 -25.26
CA ARG B 176 -26.97 -24.34 -24.71
C ARG B 176 -27.21 -24.55 -23.22
N ASP B 177 -27.60 -25.78 -22.85
CA ASP B 177 -27.94 -26.17 -21.47
C ASP B 177 -26.68 -26.27 -20.58
N ARG B 178 -25.91 -25.19 -20.53
CA ARG B 178 -24.69 -25.15 -19.73
C ARG B 178 -24.18 -23.71 -19.60
N LEU B 179 -24.93 -22.78 -20.19
CA LEU B 179 -24.57 -21.36 -20.16
C LEU B 179 -25.08 -20.56 -18.98
N LYS B 180 -26.09 -21.10 -18.29
CA LYS B 180 -26.71 -20.40 -17.17
C LYS B 180 -25.63 -19.76 -16.33
N THR B 181 -25.79 -18.49 -16.03
CA THR B 181 -24.96 -17.91 -14.99
C THR B 181 -25.77 -17.86 -13.72
N GLU B 182 -25.14 -18.30 -12.62
CA GLU B 182 -25.70 -18.02 -11.33
C GLU B 182 -25.67 -16.50 -11.13
N PRO B 183 -26.84 -15.91 -10.79
CA PRO B 183 -27.06 -14.53 -10.39
C PRO B 183 -26.00 -13.93 -9.47
N PHE B 184 -25.49 -12.75 -9.81
CA PHE B 184 -24.36 -12.21 -9.07
C PHE B 184 -24.70 -11.52 -7.72
N GLU B 185 -24.16 -12.10 -6.65
CA GLU B 185 -24.42 -11.60 -5.33
C GLU B 185 -23.09 -11.30 -4.61
N GLU B 186 -22.84 -10.02 -4.40
CA GLU B 186 -21.53 -9.58 -3.99
C GLU B 186 -21.01 -10.20 -2.70
N ASN B 187 -21.88 -10.31 -1.70
CA ASN B 187 -21.38 -10.69 -0.40
C ASN B 187 -20.81 -12.10 -0.44
N SER B 188 -21.44 -12.97 -1.21
CA SER B 188 -20.94 -14.34 -1.35
C SER B 188 -19.70 -14.45 -2.24
N PHE B 189 -19.63 -13.62 -3.29
CA PHE B 189 -18.43 -13.55 -4.13
C PHE B 189 -17.23 -13.14 -3.30
N LEU B 190 -17.42 -12.24 -2.34
CA LEU B 190 -16.33 -11.88 -1.45
C LEU B 190 -15.98 -13.05 -0.55
N GLU B 191 -17.02 -13.73 -0.07
CA GLU B 191 -16.90 -14.90 0.79
C GLU B 191 -16.08 -16.02 0.18
N GLN B 192 -16.33 -16.31 -1.09
CA GLN B 192 -15.59 -17.36 -1.75
C GLN B 192 -14.20 -16.87 -2.05
N PHE B 193 -14.07 -15.61 -2.47
CA PHE B 193 -12.76 -15.05 -2.76
C PHE B 193 -11.81 -15.13 -1.58
N ILE B 195 -11.69 -17.28 0.95
CA ILE B 195 -11.24 -18.63 1.26
C ILE B 195 -10.48 -19.21 0.08
N GLU B 196 -10.98 -18.97 -1.14
CA GLU B 196 -10.44 -19.65 -2.31
C GLU B 196 -9.31 -18.93 -3.05
N LYS B 197 -9.24 -17.61 -2.91
CA LYS B 197 -8.35 -16.83 -3.78
C LYS B 197 -7.34 -15.96 -3.04
N LEU B 198 -7.79 -15.37 -1.94
CA LEU B 198 -6.98 -14.38 -1.20
C LEU B 198 -5.58 -14.87 -0.82
N PRO B 199 -5.45 -16.08 -0.21
CA PRO B 199 -4.17 -16.67 0.18
C PRO B 199 -3.08 -16.52 -0.89
N GLU B 200 -3.28 -17.08 -2.09
CA GLU B 200 -2.39 -16.88 -3.24
C GLU B 200 -2.25 -15.42 -3.73
N ALA B 201 -3.36 -14.68 -3.77
CA ALA B 201 -3.41 -13.44 -4.48
C ALA B 201 -2.92 -12.25 -3.66
N CYS B 202 -2.71 -12.46 -2.36
CA CYS B 202 -2.25 -11.37 -1.51
C CYS B 202 -0.78 -11.58 -1.15
N SER B 203 -0.28 -12.75 -1.57
CA SER B 203 1.11 -13.12 -1.32
C SER B 203 2.09 -12.20 -2.06
N ILE B 204 2.85 -11.47 -1.24
CA ILE B 204 3.81 -10.49 -1.76
C ILE B 204 4.84 -11.24 -2.62
N GLY B 205 5.27 -12.41 -2.13
CA GLY B 205 6.29 -13.18 -2.85
C GLY B 205 7.64 -12.45 -2.96
N ASP B 206 8.12 -12.28 -4.17
CA ASP B 206 9.40 -11.59 -4.37
C ASP B 206 9.18 -10.24 -5.05
N GLY B 207 7.94 -9.80 -5.05
CA GLY B 207 7.58 -8.54 -5.65
C GLY B 207 7.16 -8.65 -7.10
N LYS B 208 7.36 -9.82 -7.71
CA LYS B 208 7.17 -9.93 -9.15
C LYS B 208 5.70 -9.66 -9.52
N PRO B 209 4.76 -10.30 -8.84
CA PRO B 209 3.36 -9.90 -9.03
C PRO B 209 3.12 -8.38 -9.07
N PHE B 210 3.70 -7.65 -8.12
CA PHE B 210 3.60 -6.20 -8.06
C PHE B 210 4.08 -5.57 -9.36
N VAL B 211 5.28 -5.91 -9.80
CA VAL B 211 5.76 -5.44 -11.07
C VAL B 211 5.00 -5.99 -12.28
N ASN B 213 1.53 -6.79 -12.71
CA ASN B 213 0.15 -6.37 -13.02
C ASN B 213 -0.38 -5.10 -12.39
N LEU B 214 0.51 -4.24 -11.93
CA LEU B 214 0.12 -3.06 -11.20
C LEU B 214 0.86 -1.79 -11.61
N GLN B 215 1.94 -1.90 -12.37
CA GLN B 215 2.70 -0.72 -12.73
C GLN B 215 1.99 0.28 -13.59
N ASP B 216 0.92 -0.09 -14.29
CA ASP B 216 0.13 0.91 -14.97
C ASP B 216 -0.67 1.76 -14.00
N LEU B 217 -1.28 1.10 -13.02
CA LEU B 217 -2.02 1.78 -11.98
C LEU B 217 -1.07 2.59 -11.10
N TYR B 218 0.15 2.07 -10.92
CA TYR B 218 1.17 2.76 -10.14
C TYR B 218 1.60 4.07 -10.82
N ALA B 220 -0.12 5.66 -13.04
CA ALA B 220 -1.30 6.54 -13.04
C ALA B 220 -1.61 7.19 -11.69
N VAL B 221 -1.51 6.45 -10.59
CA VAL B 221 -1.72 7.06 -9.24
C VAL B 221 -0.62 8.09 -8.88
N THR B 222 0.66 7.69 -8.92
CA THR B 222 1.74 8.66 -8.71
C THR B 222 1.56 9.92 -9.52
N THR B 223 1.21 9.81 -10.80
CA THR B 223 1.05 11.03 -11.60
C THR B 223 -0.21 11.82 -11.21
N GLN B 224 -1.27 11.11 -10.84
CA GLN B 224 -2.41 11.82 -10.32
C GLN B 224 -1.99 12.63 -9.08
N HIS B 225 -1.43 11.93 -8.08
CA HIS B 225 -1.04 12.50 -6.78
C HIS B 225 -0.15 13.73 -6.89
N HIS B 226 0.81 13.69 -7.81
CA HIS B 226 1.76 14.78 -8.00
C HIS B 226 1.13 16.03 -8.66
N HIS B 227 0.11 15.80 -9.51
CA HIS B 227 -0.59 16.84 -10.27
C HIS B 227 -1.82 17.33 -9.53
#